data_3DCQ
#
_entry.id   3DCQ
#
_cell.length_a   51.32
_cell.length_b   75.52
_cell.length_c   99.03
_cell.angle_alpha   90.00
_cell.angle_beta   90.00
_cell.angle_gamma   90.00
#
_symmetry.space_group_name_H-M   'P 21 21 21'
#
loop_
_entity.id
_entity.type
_entity.pdbx_description
1 polymer 'Fucose-binding lectin PA-IIL'
2 non-polymer 'CALCIUM ION'
3 non-polymer (2S)-1-[(2S)-6-amino-2-({[(2S,3S,4R,5S,6S)-3,4,5-trihydroxy-6-methyltetrahydro-2H-pyran-2-yl]acetyl}amino)hexanoyl]-N-[(1S)-1-carbamoyl-3-methylbutyl]pyrrolidine-2-carboxamide
4 water water
#
_entity_poly.entity_id   1
_entity_poly.type   'polypeptide(L)'
_entity_poly.pdbx_seq_one_letter_code
;ATQGVFTLPANTRFGVTAFANSSGTQTVNVLVNNETAATFSGQSTNNAVIGTQVLNSGSSGKVQVQVSVNGRPSDLVSAQ
VILTNELNFALVGSEDGTDNDYNDAVVVINWPLG
;
_entity_poly.pdbx_strand_id   A,B,C,D
#
loop_
_chem_comp.id
_chem_comp.type
_chem_comp.name
_chem_comp.formula
2G0 non-polymer (2S)-1-[(2S)-6-amino-2-({[(2S,3S,4R,5S,6S)-3,4,5-trihydroxy-6-methyltetrahydro-2H-pyran-2-yl]acetyl}amino)hexanoyl]-N-[(1S)-1-carbamoyl-3-methylbutyl]pyrrolidine-2-carboxamide 'C25 H45 N5 O8'
CA non-polymer 'CALCIUM ION' 'Ca 2'
#
# COMPACT_ATOMS: atom_id res chain seq x y z
N ALA A 1 3.45 -5.88 -16.30
CA ALA A 1 2.32 -6.54 -15.64
C ALA A 1 1.10 -5.69 -15.86
N THR A 2 -0.06 -6.33 -15.85
CA THR A 2 -1.33 -5.64 -16.04
C THR A 2 -1.55 -4.71 -14.88
N GLN A 3 -2.07 -3.53 -15.17
CA GLN A 3 -2.34 -2.55 -14.11
C GLN A 3 -3.73 -1.99 -14.35
N GLY A 4 -4.35 -1.46 -13.30
CA GLY A 4 -5.66 -0.87 -13.48
C GLY A 4 -6.81 -1.87 -13.46
N VAL A 5 -6.49 -3.12 -13.13
CA VAL A 5 -7.52 -4.16 -13.07
C VAL A 5 -7.64 -4.63 -11.65
N PHE A 6 -8.87 -4.66 -11.14
CA PHE A 6 -9.06 -5.05 -9.76
C PHE A 6 -10.22 -6.03 -9.62
N THR A 7 -10.05 -7.00 -8.74
CA THR A 7 -11.15 -7.90 -8.48
C THR A 7 -11.78 -7.46 -7.17
N LEU A 8 -12.99 -6.93 -7.27
CA LEU A 8 -13.70 -6.51 -6.07
C LEU A 8 -14.64 -7.63 -5.68
N PRO A 9 -15.22 -7.55 -4.47
CA PRO A 9 -16.15 -8.60 -4.07
C PRO A 9 -17.30 -8.39 -5.04
N ALA A 10 -18.02 -9.45 -5.38
CA ALA A 10 -19.10 -9.33 -6.33
C ALA A 10 -20.29 -8.52 -5.82
N ASN A 11 -21.00 -7.93 -6.78
CA ASN A 11 -22.21 -7.17 -6.51
C ASN A 11 -22.04 -6.21 -5.35
N THR A 12 -20.90 -5.51 -5.36
CA THR A 12 -20.58 -4.57 -4.31
C THR A 12 -20.49 -3.17 -4.87
N ARG A 13 -21.15 -2.22 -4.20
CA ARG A 13 -21.10 -0.84 -4.65
C ARG A 13 -19.75 -0.29 -4.25
N PHE A 14 -19.17 0.50 -5.14
CA PHE A 14 -17.89 1.13 -4.86
C PHE A 14 -17.85 2.49 -5.51
N GLY A 15 -17.04 3.38 -4.95
CA GLY A 15 -16.92 4.69 -5.53
C GLY A 15 -15.72 4.70 -6.46
N VAL A 16 -15.81 5.52 -7.50
CA VAL A 16 -14.69 5.70 -8.42
C VAL A 16 -14.61 7.21 -8.63
N THR A 17 -13.45 7.78 -8.38
CA THR A 17 -13.26 9.22 -8.50
C THR A 17 -11.98 9.46 -9.27
N ALA A 18 -12.01 10.39 -10.21
CA ALA A 18 -10.81 10.68 -11.01
C ALA A 18 -10.38 12.13 -10.87
N PHE A 19 -9.07 12.33 -10.80
CA PHE A 19 -8.48 13.66 -10.68
C PHE A 19 -7.57 13.84 -11.86
N ALA A 20 -7.40 15.09 -12.29
CA ALA A 20 -6.52 15.37 -13.42
C ALA A 20 -5.37 16.32 -13.05
N ASN A 21 -4.19 16.02 -13.60
CA ASN A 21 -2.99 16.80 -13.36
C ASN A 21 -2.19 16.76 -14.65
N SER A 22 -2.67 17.48 -15.66
CA SER A 22 -1.99 17.45 -16.96
C SER A 22 -2.57 18.50 -17.87
N SER A 23 -1.75 18.97 -18.80
CA SER A 23 -2.20 19.93 -19.78
C SER A 23 -3.12 19.17 -20.71
N GLY A 24 -2.98 17.84 -20.71
CA GLY A 24 -3.79 17.02 -21.60
C GLY A 24 -5.16 16.67 -21.05
N THR A 25 -6.15 16.65 -21.92
CA THR A 25 -7.49 16.28 -21.52
C THR A 25 -7.47 14.80 -21.22
N GLN A 26 -7.94 14.46 -20.03
CA GLN A 26 -7.98 13.10 -19.59
C GLN A 26 -9.35 12.48 -19.80
N THR A 27 -9.37 11.27 -20.35
CA THR A 27 -10.62 10.57 -20.46
C THR A 27 -10.43 9.27 -19.72
N VAL A 28 -11.20 9.12 -18.65
CA VAL A 28 -11.14 7.94 -17.82
C VAL A 28 -12.36 7.09 -18.01
N ASN A 29 -12.12 5.83 -18.36
CA ASN A 29 -13.22 4.90 -18.53
C ASN A 29 -13.10 3.83 -17.48
N VAL A 30 -14.24 3.52 -16.86
CA VAL A 30 -14.31 2.50 -15.84
C VAL A 30 -15.17 1.37 -16.40
N LEU A 31 -14.54 0.22 -16.55
CA LEU A 31 -15.22 -0.95 -17.06
CA LEU A 31 -15.20 -0.97 -17.08
C LEU A 31 -15.58 -1.90 -15.93
N VAL A 32 -16.81 -2.39 -15.95
CA VAL A 32 -17.26 -3.33 -14.94
C VAL A 32 -17.71 -4.55 -15.75
N ASN A 33 -17.13 -5.70 -15.44
CA ASN A 33 -17.45 -6.91 -16.16
C ASN A 33 -17.20 -6.68 -17.66
N ASN A 34 -16.10 -5.99 -17.97
CA ASN A 34 -15.70 -5.70 -19.34
C ASN A 34 -16.57 -4.76 -20.15
N GLU A 35 -17.46 -4.02 -19.50
CA GLU A 35 -18.32 -3.08 -20.19
C GLU A 35 -18.13 -1.69 -19.56
N THR A 36 -18.07 -0.64 -20.37
CA THR A 36 -17.89 0.69 -19.82
C THR A 36 -19.07 1.09 -18.94
N ALA A 37 -18.77 1.37 -17.67
CA ALA A 37 -19.82 1.73 -16.72
C ALA A 37 -19.74 3.19 -16.31
N ALA A 38 -18.65 3.86 -16.64
CA ALA A 38 -18.52 5.28 -16.31
C ALA A 38 -17.41 5.86 -17.15
N THR A 39 -17.55 7.13 -17.47
CA THR A 39 -16.55 7.82 -18.27
C THR A 39 -16.50 9.22 -17.74
N PHE A 40 -15.28 9.68 -17.45
CA PHE A 40 -15.07 11.02 -16.95
C PHE A 40 -14.03 11.64 -17.86
N SER A 41 -14.23 12.91 -18.17
CA SER A 41 -13.27 13.62 -19.02
CA SER A 41 -13.26 13.62 -19.01
CA SER A 41 -13.27 13.62 -19.03
C SER A 41 -13.10 15.01 -18.44
N GLY A 42 -11.89 15.53 -18.53
CA GLY A 42 -11.63 16.85 -18.02
C GLY A 42 -10.17 17.18 -18.16
N GLN A 43 -9.84 18.46 -18.01
CA GLN A 43 -8.47 18.88 -18.13
C GLN A 43 -8.17 19.83 -17.00
N SER A 44 -7.15 19.47 -16.22
CA SER A 44 -6.72 20.27 -15.09
C SER A 44 -5.29 19.94 -14.75
N THR A 45 -4.55 20.96 -14.33
CA THR A 45 -3.18 20.76 -13.85
C THR A 45 -3.26 21.07 -12.35
N ASN A 46 -4.48 21.06 -11.82
CA ASN A 46 -4.69 21.40 -10.40
C ASN A 46 -5.45 20.34 -9.60
N ASN A 47 -5.32 19.09 -10.01
CA ASN A 47 -5.96 17.99 -9.31
C ASN A 47 -7.48 18.10 -9.26
N ALA A 48 -8.07 18.80 -10.23
CA ALA A 48 -9.52 18.91 -10.24
C ALA A 48 -10.15 17.53 -10.34
N VAL A 49 -11.28 17.35 -9.68
CA VAL A 49 -11.97 16.07 -9.80
C VAL A 49 -12.68 16.18 -11.14
N ILE A 50 -12.38 15.27 -12.06
CA ILE A 50 -13.04 15.33 -13.37
C ILE A 50 -14.27 14.43 -13.36
N GLY A 51 -14.44 13.70 -12.26
CA GLY A 51 -15.63 12.88 -12.13
C GLY A 51 -15.64 11.93 -10.95
N THR A 52 -16.84 11.62 -10.49
CA THR A 52 -16.98 10.66 -9.40
C THR A 52 -18.31 9.97 -9.64
N GLN A 53 -18.39 8.71 -9.22
CA GLN A 53 -19.60 7.95 -9.41
C GLN A 53 -19.53 6.73 -8.53
N VAL A 54 -20.70 6.15 -8.26
CA VAL A 54 -20.79 4.95 -7.48
C VAL A 54 -21.28 3.90 -8.45
N LEU A 55 -20.57 2.79 -8.54
CA LEU A 55 -20.92 1.70 -9.43
C LEU A 55 -21.08 0.42 -8.63
N ASN A 56 -21.62 -0.60 -9.28
CA ASN A 56 -21.80 -1.89 -8.64
C ASN A 56 -20.83 -2.80 -9.38
N SER A 57 -20.05 -3.57 -8.63
CA SER A 57 -19.06 -4.45 -9.23
C SER A 57 -19.66 -5.62 -10.01
N GLY A 58 -20.96 -5.84 -9.88
CA GLY A 58 -21.59 -6.93 -10.62
C GLY A 58 -21.18 -8.33 -10.21
N SER A 59 -21.66 -9.31 -10.97
CA SER A 59 -21.36 -10.70 -10.65
C SER A 59 -19.87 -11.02 -10.72
N SER A 60 -19.16 -10.44 -11.68
CA SER A 60 -17.72 -10.69 -11.84
C SER A 60 -16.82 -10.00 -10.80
N GLY A 61 -17.22 -8.82 -10.35
CA GLY A 61 -16.40 -8.10 -9.39
C GLY A 61 -15.18 -7.56 -10.12
N LYS A 62 -15.14 -7.74 -11.44
CA LYS A 62 -14.01 -7.25 -12.20
C LYS A 62 -14.18 -5.80 -12.58
N VAL A 63 -13.24 -4.97 -12.13
CA VAL A 63 -13.29 -3.56 -12.43
C VAL A 63 -11.99 -3.16 -13.11
N GLN A 64 -12.10 -2.44 -14.22
CA GLN A 64 -10.91 -2.01 -14.93
C GLN A 64 -10.94 -0.53 -15.24
N VAL A 65 -9.81 0.12 -15.04
CA VAL A 65 -9.68 1.53 -15.31
C VAL A 65 -8.76 1.70 -16.52
N GLN A 66 -9.21 2.52 -17.47
CA GLN A 66 -8.44 2.84 -18.66
C GLN A 66 -8.40 4.35 -18.73
N VAL A 67 -7.26 4.90 -19.16
CA VAL A 67 -7.16 6.34 -19.27
C VAL A 67 -6.62 6.63 -20.67
N SER A 68 -7.28 7.54 -21.38
CA SER A 68 -6.87 7.92 -22.71
C SER A 68 -6.67 9.41 -22.76
N VAL A 69 -5.61 9.83 -23.45
CA VAL A 69 -5.27 11.24 -23.58
C VAL A 69 -4.75 11.46 -25.01
N ASN A 70 -5.28 12.48 -25.66
CA ASN A 70 -4.88 12.77 -27.01
C ASN A 70 -4.80 11.50 -27.85
N GLY A 71 -5.87 10.71 -27.80
CA GLY A 71 -5.97 9.50 -28.62
C GLY A 71 -5.10 8.29 -28.29
N ARG A 72 -4.43 8.30 -27.14
CA ARG A 72 -3.56 7.20 -26.76
C ARG A 72 -3.75 6.77 -25.32
N PRO A 73 -3.74 5.46 -25.08
CA PRO A 73 -3.91 5.00 -23.70
C PRO A 73 -2.70 5.43 -22.88
N SER A 74 -2.95 5.92 -21.68
CA SER A 74 -1.89 6.34 -20.77
C SER A 74 -1.30 5.10 -20.13
N ASP A 75 -0.02 5.17 -19.76
CA ASP A 75 0.57 4.00 -19.12
C ASP A 75 0.03 4.01 -17.68
N LEU A 76 -0.39 2.86 -17.21
CA LEU A 76 -0.98 2.79 -15.87
C LEU A 76 -0.14 2.14 -14.79
N VAL A 77 -0.34 2.63 -13.57
CA VAL A 77 0.31 2.06 -12.40
C VAL A 77 -0.82 1.89 -11.42
N SER A 78 -0.79 0.83 -10.64
CA SER A 78 -1.91 0.63 -9.72
C SER A 78 -1.57 -0.31 -8.58
N ALA A 79 -2.42 -0.30 -7.56
CA ALA A 79 -2.27 -1.20 -6.43
C ALA A 79 -3.54 -1.12 -5.63
N GLN A 80 -3.79 -2.14 -4.83
CA GLN A 80 -4.94 -2.14 -3.96
C GLN A 80 -4.37 -2.16 -2.54
N VAL A 81 -4.93 -1.33 -1.68
CA VAL A 81 -4.47 -1.28 -0.30
C VAL A 81 -5.66 -1.55 0.60
N ILE A 82 -5.45 -2.34 1.63
CA ILE A 82 -6.52 -2.65 2.57
C ILE A 82 -6.11 -2.24 3.97
N LEU A 83 -6.93 -1.41 4.59
CA LEU A 83 -6.65 -0.95 5.96
C LEU A 83 -7.57 -1.64 6.95
N THR A 84 -6.98 -2.01 8.08
CA THR A 84 -7.63 -2.70 9.17
C THR A 84 -8.49 -3.84 8.65
N ASN A 85 -7.96 -4.51 7.63
CA ASN A 85 -8.60 -5.68 7.03
C ASN A 85 -10.02 -5.44 6.58
N GLU A 86 -10.40 -4.19 6.33
CA GLU A 86 -11.78 -3.90 5.96
C GLU A 86 -11.97 -2.86 4.87
N LEU A 87 -11.15 -1.80 4.95
CA LEU A 87 -11.30 -0.67 4.05
C LEU A 87 -10.39 -0.79 2.86
N ASN A 88 -11.00 -0.82 1.68
CA ASN A 88 -10.28 -1.00 0.43
C ASN A 88 -10.12 0.19 -0.48
N PHE A 89 -8.91 0.34 -1.02
CA PHE A 89 -8.58 1.39 -1.98
C PHE A 89 -7.96 0.70 -3.19
N ALA A 90 -8.49 0.98 -4.38
CA ALA A 90 -7.92 0.43 -5.60
C ALA A 90 -7.44 1.74 -6.22
N LEU A 91 -6.13 1.86 -6.36
CA LEU A 91 -5.54 3.11 -6.81
C LEU A 91 -4.88 2.99 -8.16
N VAL A 92 -5.07 4.03 -8.96
CA VAL A 92 -4.53 4.08 -10.29
C VAL A 92 -3.88 5.42 -10.59
N GLY A 93 -2.67 5.36 -11.15
CA GLY A 93 -2.00 6.56 -11.58
C GLY A 93 -1.83 6.31 -13.07
N SER A 94 -1.60 7.37 -13.84
CA SER A 94 -1.42 7.18 -15.27
C SER A 94 -0.52 8.26 -15.79
N GLU A 95 0.26 7.89 -16.81
CA GLU A 95 1.21 8.80 -17.43
C GLU A 95 0.85 8.95 -18.91
N ASP A 96 0.56 10.19 -19.28
CA ASP A 96 0.14 10.46 -20.65
C ASP A 96 1.26 10.96 -21.54
N GLY A 97 2.42 11.20 -20.95
CA GLY A 97 3.50 11.72 -21.74
C GLY A 97 4.82 11.10 -21.40
N THR A 98 5.79 11.95 -21.07
CA THR A 98 7.13 11.51 -20.80
C THR A 98 7.75 11.92 -19.44
N ASP A 99 7.11 12.79 -18.66
CA ASP A 99 7.77 13.19 -17.41
C ASP A 99 7.61 12.16 -16.30
N ASN A 100 6.77 11.17 -16.55
CA ASN A 100 6.56 10.10 -15.60
C ASN A 100 6.20 10.53 -14.19
N ASP A 101 5.33 11.52 -14.05
CA ASP A 101 4.90 11.86 -12.70
C ASP A 101 3.67 10.98 -12.36
N TYR A 102 3.17 10.30 -13.38
CA TYR A 102 2.04 9.38 -13.24
C TYR A 102 0.80 9.88 -12.48
N ASN A 103 0.57 11.17 -12.50
CA ASN A 103 -0.58 11.75 -11.81
C ASN A 103 -1.51 12.40 -12.86
N ASP A 104 -1.26 12.15 -14.14
CA ASP A 104 -2.03 12.81 -15.18
C ASP A 104 -3.53 12.61 -15.00
N ALA A 105 -3.89 11.39 -14.64
CA ALA A 105 -5.25 11.07 -14.29
C ALA A 105 -4.97 10.14 -13.12
N VAL A 106 -5.52 10.51 -11.96
CA VAL A 106 -5.37 9.70 -10.75
C VAL A 106 -6.77 9.18 -10.48
N VAL A 107 -6.88 7.88 -10.31
CA VAL A 107 -8.19 7.30 -10.05
C VAL A 107 -8.21 6.53 -8.74
N VAL A 108 -9.20 6.85 -7.93
CA VAL A 108 -9.33 6.20 -6.65
C VAL A 108 -10.64 5.45 -6.67
N ILE A 109 -10.56 4.17 -6.35
CA ILE A 109 -11.74 3.34 -6.24
C ILE A 109 -11.78 2.96 -4.76
N ASN A 110 -12.93 3.09 -4.13
CA ASN A 110 -12.99 2.75 -2.72
C ASN A 110 -14.24 1.97 -2.38
N TRP A 111 -14.11 1.04 -1.45
CA TRP A 111 -15.25 0.26 -0.98
C TRP A 111 -14.81 -0.33 0.34
N PRO A 112 -15.76 -0.77 1.18
CA PRO A 112 -17.20 -0.72 0.91
C PRO A 112 -17.70 0.70 1.11
N LEU A 113 -18.91 0.97 0.62
CA LEU A 113 -19.54 2.25 0.80
C LEU A 113 -20.67 2.07 1.82
N GLY A 114 -21.36 3.17 2.12
CA GLY A 114 -22.50 3.13 3.01
C GLY A 114 -22.23 3.15 4.49
N ALA B 1 -0.96 3.03 17.43
CA ALA B 1 -0.02 3.92 16.70
C ALA B 1 -0.77 5.13 16.21
N THR B 2 -0.05 6.21 15.99
CA THR B 2 -0.64 7.44 15.49
C THR B 2 -1.08 7.14 14.07
N GLN B 3 -2.22 7.69 13.66
CA GLN B 3 -2.72 7.46 12.31
C GLN B 3 -3.19 8.82 11.78
N GLY B 4 -3.22 8.96 10.47
CA GLY B 4 -3.69 10.19 9.86
C GLY B 4 -2.64 11.28 9.77
N VAL B 5 -1.39 10.97 10.13
CA VAL B 5 -0.30 11.94 10.06
C VAL B 5 0.65 11.51 8.96
N PHE B 6 1.02 12.44 8.09
CA PHE B 6 1.89 12.14 6.97
C PHE B 6 2.96 13.19 6.75
N THR B 7 4.16 12.76 6.42
CA THR B 7 5.19 13.73 6.12
C THR B 7 5.33 13.81 4.61
N LEU B 8 5.00 14.98 4.06
CA LEU B 8 5.11 15.17 2.65
C LEU B 8 6.37 15.97 2.42
N PRO B 9 6.83 16.01 1.17
CA PRO B 9 8.02 16.78 0.84
C PRO B 9 7.61 18.22 1.14
N ALA B 10 8.55 19.01 1.64
CA ALA B 10 8.25 20.38 1.96
C ALA B 10 7.81 21.19 0.75
N ASN B 11 7.01 22.21 1.04
CA ASN B 11 6.55 23.16 0.05
C ASN B 11 6.04 22.53 -1.21
N THR B 12 5.20 21.52 -1.03
CA THR B 12 4.67 20.78 -2.14
C THR B 12 3.14 20.77 -2.17
N ARG B 13 2.59 21.04 -3.34
CA ARG B 13 1.13 21.05 -3.46
C ARG B 13 0.65 19.61 -3.38
N PHE B 14 -0.47 19.42 -2.69
CA PHE B 14 -1.08 18.11 -2.63
C PHE B 14 -2.58 18.31 -2.62
N GLY B 15 -3.29 17.28 -3.08
CA GLY B 15 -4.72 17.38 -3.05
C GLY B 15 -5.21 16.61 -1.83
N VAL B 16 -6.33 17.04 -1.27
CA VAL B 16 -6.95 16.33 -0.17
C VAL B 16 -8.43 16.28 -0.52
N THR B 17 -8.97 15.08 -0.46
CA THR B 17 -10.36 14.85 -0.82
C THR B 17 -11.00 13.95 0.20
N ALA B 18 -12.24 14.28 0.59
CA ALA B 18 -12.96 13.48 1.58
C ALA B 18 -14.25 12.90 1.01
N PHE B 19 -14.56 11.70 1.48
CA PHE B 19 -15.74 10.93 1.07
C PHE B 19 -16.49 10.56 2.34
N ALA B 20 -17.81 10.66 2.31
CA ALA B 20 -18.58 10.31 3.51
C ALA B 20 -19.42 9.09 3.22
N ASN B 21 -19.54 8.20 4.19
CA ASN B 21 -20.35 6.99 4.05
C ASN B 21 -20.84 6.68 5.43
N SER B 22 -21.79 7.45 5.92
CA SER B 22 -22.30 7.21 7.26
C SER B 22 -23.55 8.03 7.48
N SER B 23 -24.41 7.59 8.37
CA SER B 23 -25.63 8.34 8.67
CA SER B 23 -25.62 8.34 8.66
C SER B 23 -25.16 9.51 9.52
N GLY B 24 -23.96 9.38 10.08
CA GLY B 24 -23.42 10.45 10.91
C GLY B 24 -22.74 11.51 10.07
N THR B 25 -23.04 12.77 10.38
CA THR B 25 -22.44 13.91 9.71
C THR B 25 -20.95 13.89 9.98
N GLN B 26 -20.16 13.89 8.92
CA GLN B 26 -18.71 13.85 9.07
C GLN B 26 -18.10 15.23 9.02
N THR B 27 -17.06 15.44 9.81
CA THR B 27 -16.36 16.71 9.77
C THR B 27 -14.91 16.30 9.69
N VAL B 28 -14.30 16.70 8.59
CA VAL B 28 -12.90 16.36 8.34
C VAL B 28 -12.07 17.62 8.41
N ASN B 29 -11.01 17.58 9.20
CA ASN B 29 -10.12 18.73 9.28
CA ASN B 29 -10.11 18.71 9.36
C ASN B 29 -8.74 18.28 8.84
N VAL B 30 -8.11 19.12 8.03
CA VAL B 30 -6.80 18.81 7.52
C VAL B 30 -5.88 19.88 8.06
N LEU B 31 -4.88 19.44 8.81
CA LEU B 31 -3.93 20.35 9.40
C LEU B 31 -2.61 20.30 8.64
N VAL B 32 -1.97 21.44 8.44
CA VAL B 32 -0.65 21.46 7.80
C VAL B 32 0.20 22.18 8.81
N ASN B 33 1.29 21.55 9.21
CA ASN B 33 2.15 22.12 10.23
C ASN B 33 1.32 22.48 11.47
N ASN B 34 0.42 21.57 11.82
CA ASN B 34 -0.46 21.68 12.99
C ASN B 34 -1.50 22.78 12.98
N GLU B 35 -1.71 23.38 11.82
CA GLU B 35 -2.70 24.45 11.68
C GLU B 35 -3.74 23.99 10.67
N THR B 36 -5.02 24.15 11.01
CA THR B 36 -6.11 23.74 10.12
C THR B 36 -5.99 24.47 8.80
N ALA B 37 -5.96 23.73 7.71
CA ALA B 37 -5.81 24.33 6.39
C ALA B 37 -7.01 24.05 5.52
N ALA B 38 -7.83 23.09 5.94
CA ALA B 38 -9.03 22.76 5.19
C ALA B 38 -9.99 22.03 6.12
N THR B 39 -11.26 22.22 5.85
CA THR B 39 -12.29 21.55 6.63
C THR B 39 -13.40 21.22 5.68
N PHE B 40 -13.87 19.96 5.75
CA PHE B 40 -14.97 19.51 4.92
C PHE B 40 -15.98 18.87 5.83
N SER B 41 -17.23 18.81 5.37
CA SER B 41 -18.26 18.18 6.17
C SER B 41 -19.39 17.76 5.24
N GLY B 42 -20.15 16.76 5.66
CA GLY B 42 -21.27 16.30 4.87
C GLY B 42 -21.91 15.11 5.54
N GLN B 43 -23.02 14.63 4.96
CA GLN B 43 -23.69 13.47 5.50
C GLN B 43 -24.24 12.73 4.31
N SER B 44 -23.63 11.59 4.03
CA SER B 44 -24.00 10.76 2.89
C SER B 44 -23.67 9.32 3.17
N THR B 45 -24.50 8.40 2.68
CA THR B 45 -24.19 6.99 2.85
C THR B 45 -23.89 6.51 1.45
N ASN B 46 -23.60 7.44 0.55
CA ASN B 46 -23.33 7.06 -0.81
C ASN B 46 -22.04 7.63 -1.36
N ASN B 47 -21.05 7.71 -0.48
CA ASN B 47 -19.72 8.16 -0.87
C ASN B 47 -19.62 9.56 -1.46
N ALA B 48 -20.48 10.47 -1.00
CA ALA B 48 -20.41 11.83 -1.53
C ALA B 48 -19.01 12.35 -1.29
N VAL B 49 -18.46 13.05 -2.27
CA VAL B 49 -17.14 13.64 -2.16
C VAL B 49 -17.46 14.97 -1.47
N ILE B 50 -17.48 14.95 -0.14
CA ILE B 50 -17.88 16.14 0.61
C ILE B 50 -16.93 17.32 0.50
N GLY B 51 -15.73 17.08 0.03
CA GLY B 51 -14.83 18.19 -0.15
C GLY B 51 -13.54 17.76 -0.82
N THR B 52 -12.92 18.70 -1.54
CA THR B 52 -11.64 18.44 -2.15
C THR B 52 -10.98 19.82 -2.24
N GLN B 53 -9.67 19.85 -2.04
CA GLN B 53 -8.98 21.14 -2.05
C GLN B 53 -7.52 20.90 -2.30
N VAL B 54 -6.85 21.93 -2.80
CA VAL B 54 -5.42 21.82 -3.06
C VAL B 54 -4.74 22.64 -1.97
N LEU B 55 -3.76 22.00 -1.33
CA LEU B 55 -3.02 22.64 -0.26
C LEU B 55 -1.54 22.56 -0.53
N ASN B 56 -0.77 23.30 0.25
CA ASN B 56 0.67 23.29 0.10
C ASN B 56 1.20 22.74 1.42
N SER B 57 2.12 21.77 1.33
CA SER B 57 2.66 21.12 2.53
C SER B 57 3.48 22.05 3.40
N GLY B 58 3.89 23.19 2.84
CA GLY B 58 4.67 24.14 3.62
C GLY B 58 6.06 23.71 3.99
N SER B 59 6.74 24.53 4.78
CA SER B 59 8.10 24.22 5.16
C SER B 59 8.24 22.92 5.94
N SER B 60 7.24 22.55 6.73
CA SER B 60 7.34 21.35 7.55
C SER B 60 6.97 20.05 6.84
N GLY B 61 6.09 20.15 5.84
CA GLY B 61 5.62 18.98 5.13
C GLY B 61 4.71 18.14 6.01
N LYS B 62 4.40 18.62 7.22
CA LYS B 62 3.55 17.83 8.10
C LYS B 62 2.07 18.01 7.81
N VAL B 63 1.40 16.89 7.54
CA VAL B 63 -0.02 16.96 7.26
C VAL B 63 -0.76 15.99 8.15
N GLN B 64 -1.88 16.45 8.71
CA GLN B 64 -2.62 15.58 9.58
C GLN B 64 -4.09 15.68 9.25
N VAL B 65 -4.74 14.52 9.26
CA VAL B 65 -6.17 14.44 8.99
C VAL B 65 -6.82 14.03 10.29
N GLN B 66 -7.88 14.75 10.63
CA GLN B 66 -8.68 14.52 11.83
C GLN B 66 -10.11 14.41 11.35
N VAL B 67 -10.88 13.53 11.97
CA VAL B 67 -12.29 13.35 11.61
C VAL B 67 -13.10 13.28 12.89
N SER B 68 -14.20 14.01 12.91
CA SER B 68 -15.09 13.99 14.06
CA SER B 68 -15.10 14.03 14.06
C SER B 68 -16.53 13.89 13.55
N VAL B 69 -17.37 13.27 14.35
CA VAL B 69 -18.76 13.08 14.00
C VAL B 69 -19.58 13.48 15.21
N ASN B 70 -20.38 14.51 15.02
CA ASN B 70 -21.25 15.04 16.05
C ASN B 70 -20.50 15.32 17.35
N GLY B 71 -19.31 15.89 17.19
CA GLY B 71 -18.46 16.29 18.30
C GLY B 71 -17.50 15.22 18.80
N ARG B 72 -17.44 14.08 18.13
CA ARG B 72 -16.55 13.02 18.59
C ARG B 72 -15.51 12.64 17.56
N PRO B 73 -14.23 12.63 17.97
CA PRO B 73 -13.20 12.24 16.99
C PRO B 73 -13.43 10.76 16.65
N SER B 74 -13.37 10.42 15.37
CA SER B 74 -13.53 9.05 14.94
C SER B 74 -12.21 8.33 15.08
N ASP B 75 -12.24 7.00 15.13
CA ASP B 75 -10.99 6.25 15.22
C ASP B 75 -10.44 6.21 13.79
N LEU B 76 -9.16 6.51 13.63
CA LEU B 76 -8.56 6.57 12.29
C LEU B 76 -7.65 5.41 11.93
N VAL B 77 -7.56 5.15 10.62
CA VAL B 77 -6.63 4.14 10.10
C VAL B 77 -6.03 4.82 8.89
N SER B 78 -4.76 4.55 8.63
CA SER B 78 -4.13 5.22 7.51
C SER B 78 -2.91 4.48 7.09
N ALA B 79 -2.44 4.83 5.89
CA ALA B 79 -1.22 4.29 5.34
C ALA B 79 -0.89 5.16 4.13
N GLN B 80 0.36 5.08 3.69
CA GLN B 80 0.79 5.82 2.51
C GLN B 80 1.31 4.79 1.53
N VAL B 81 0.96 4.95 0.26
CA VAL B 81 1.44 4.02 -0.74
C VAL B 81 2.03 4.84 -1.85
N ILE B 82 3.16 4.37 -2.36
CA ILE B 82 3.83 5.06 -3.45
C ILE B 82 3.91 4.11 -4.63
N LEU B 83 3.46 4.57 -5.78
CA LEU B 83 3.48 3.79 -7.01
C LEU B 83 4.56 4.29 -7.93
N THR B 84 5.26 3.35 -8.55
CA THR B 84 6.36 3.61 -9.47
C THR B 84 7.30 4.71 -8.96
N ASN B 85 7.50 4.68 -7.66
CA ASN B 85 8.42 5.58 -6.96
C ASN B 85 8.14 7.04 -7.23
N GLU B 86 6.91 7.37 -7.63
CA GLU B 86 6.57 8.73 -8.01
C GLU B 86 5.26 9.26 -7.47
N LEU B 87 4.25 8.42 -7.56
CA LEU B 87 2.90 8.81 -7.20
C LEU B 87 2.59 8.42 -5.77
N ASN B 88 2.23 9.42 -4.97
CA ASN B 88 1.93 9.18 -3.57
C ASN B 88 0.47 9.34 -3.20
N PHE B 89 -0.01 8.41 -2.39
CA PHE B 89 -1.37 8.46 -1.86
C PHE B 89 -1.25 8.30 -0.36
N ALA B 90 -1.84 9.22 0.40
CA ALA B 90 -1.83 9.08 1.86
C ALA B 90 -3.31 8.81 2.08
N LEU B 91 -3.61 7.66 2.65
CA LEU B 91 -4.98 7.22 2.81
C LEU B 91 -5.44 7.21 4.24
N VAL B 92 -6.68 7.62 4.46
CA VAL B 92 -7.23 7.61 5.80
C VAL B 92 -8.65 7.07 5.80
N GLY B 93 -8.92 6.20 6.76
CA GLY B 93 -10.26 5.67 6.93
C GLY B 93 -10.65 6.11 8.34
N SER B 94 -11.93 6.09 8.65
CA SER B 94 -12.33 6.47 10.00
C SER B 94 -13.62 5.75 10.35
N GLU B 95 -13.78 5.51 11.64
CA GLU B 95 -14.95 4.80 12.15
C GLU B 95 -15.63 5.65 13.20
N ASP B 96 -16.90 5.91 13.00
CA ASP B 96 -17.65 6.73 13.95
C ASP B 96 -18.62 5.89 14.79
N GLY B 97 -18.67 4.59 14.52
CA GLY B 97 -19.60 3.75 15.26
C GLY B 97 -19.02 2.44 15.70
N THR B 98 -19.80 1.39 15.50
CA THR B 98 -19.39 0.06 15.92
C THR B 98 -19.28 -0.99 14.81
N ASP B 99 -19.74 -0.68 13.60
CA ASP B 99 -19.66 -1.70 12.55
C ASP B 99 -18.29 -1.89 11.96
N ASN B 100 -17.38 -0.98 12.30
CA ASN B 100 -16.01 -1.07 11.84
C ASN B 100 -15.80 -1.17 10.34
N ASP B 101 -16.58 -0.46 9.55
CA ASP B 101 -16.31 -0.52 8.12
C ASP B 101 -15.25 0.52 7.80
N TYR B 102 -14.98 1.40 8.78
CA TYR B 102 -13.96 2.43 8.65
C TYR B 102 -14.01 3.27 7.38
N ASN B 103 -15.20 3.44 6.83
CA ASN B 103 -15.37 4.25 5.61
C ASN B 103 -16.25 5.46 5.89
N ASP B 104 -16.54 5.72 7.18
CA ASP B 104 -17.44 6.83 7.54
C ASP B 104 -17.00 8.15 6.97
N ALA B 105 -15.71 8.41 7.05
CA ALA B 105 -15.14 9.55 6.36
C ALA B 105 -13.86 8.89 5.83
N VAL B 106 -13.68 8.93 4.53
CA VAL B 106 -12.48 8.38 3.91
C VAL B 106 -11.77 9.61 3.31
N VAL B 107 -10.48 9.75 3.60
CA VAL B 107 -9.73 10.88 3.05
C VAL B 107 -8.54 10.39 2.25
N VAL B 108 -8.37 10.97 1.08
CA VAL B 108 -7.29 10.62 0.21
C VAL B 108 -6.47 11.85 -0.08
N ILE B 109 -5.18 11.76 0.20
CA ILE B 109 -4.28 12.87 -0.07
C ILE B 109 -3.39 12.35 -1.19
N ASN B 110 -3.21 13.14 -2.24
CA ASN B 110 -2.35 12.69 -3.32
C ASN B 110 -1.38 13.77 -3.75
N TRP B 111 -0.18 13.36 -4.11
CA TRP B 111 0.84 14.27 -4.62
C TRP B 111 1.79 13.39 -5.41
N PRO B 112 2.57 13.97 -6.32
CA PRO B 112 2.54 15.41 -6.61
C PRO B 112 1.36 15.75 -7.53
N LEU B 113 1.08 17.03 -7.65
CA LEU B 113 0.05 17.51 -8.55
C LEU B 113 0.73 18.17 -9.75
N GLY B 114 -0.07 18.68 -10.66
CA GLY B 114 0.45 19.40 -11.82
C GLY B 114 0.86 18.58 -13.03
N ALA C 1 5.22 1.19 -16.66
CA ALA C 1 5.98 2.07 -15.74
C ALA C 1 7.13 1.30 -15.12
N THR C 2 8.18 2.02 -14.75
CA THR C 2 9.32 1.35 -14.14
C THR C 2 8.86 0.77 -12.81
N GLN C 3 9.38 -0.39 -12.47
CA GLN C 3 9.03 -1.04 -11.22
C GLN C 3 10.33 -1.52 -10.62
N GLY C 4 10.31 -1.70 -9.29
CA GLY C 4 11.49 -2.20 -8.62
C GLY C 4 12.50 -1.14 -8.27
N VAL C 5 12.16 0.12 -8.54
CA VAL C 5 13.07 1.21 -8.22
C VAL C 5 12.50 2.01 -7.07
N PHE C 6 13.31 2.22 -6.05
CA PHE C 6 12.82 2.94 -4.89
C PHE C 6 13.82 4.00 -4.45
N THR C 7 13.29 5.13 -3.99
CA THR C 7 14.13 6.17 -3.45
C THR C 7 14.03 6.12 -1.93
N LEU C 8 15.09 5.69 -1.28
CA LEU C 8 15.11 5.61 0.17
C LEU C 8 15.81 6.87 0.68
N PRO C 9 15.69 7.16 1.98
CA PRO C 9 16.37 8.34 2.52
C PRO C 9 17.85 8.05 2.26
N ALA C 10 18.64 9.08 1.99
CA ALA C 10 20.06 8.87 1.74
C ALA C 10 20.81 8.24 2.92
N ASN C 11 21.88 7.50 2.62
CA ASN C 11 22.77 6.90 3.60
C ASN C 11 22.06 6.25 4.76
N THR C 12 21.05 5.46 4.43
CA THR C 12 20.26 4.81 5.47
C THR C 12 20.31 3.30 5.33
N ARG C 13 20.45 2.61 6.45
CA ARG C 13 20.49 1.15 6.40
C ARG C 13 19.11 0.64 6.07
N PHE C 14 19.06 -0.43 5.31
CA PHE C 14 17.78 -1.03 4.97
C PHE C 14 18.04 -2.49 4.82
N GLY C 15 16.97 -3.26 4.94
CA GLY C 15 17.10 -4.69 4.80
C GLY C 15 16.50 -5.07 3.48
N VAL C 16 17.06 -6.10 2.86
CA VAL C 16 16.50 -6.57 1.60
C VAL C 16 16.50 -8.08 1.73
N THR C 17 15.33 -8.66 1.46
CA THR C 17 15.17 -10.10 1.57
C THR C 17 14.44 -10.61 0.32
N ALA C 18 14.90 -11.73 -0.22
CA ALA C 18 14.26 -12.31 -1.40
C ALA C 18 13.74 -13.71 -1.08
N PHE C 19 12.57 -14.00 -1.60
CA PHE C 19 11.93 -15.31 -1.43
C PHE C 19 11.71 -15.85 -2.82
N ALA C 20 11.81 -17.17 -2.97
CA ALA C 20 11.58 -17.78 -4.28
C ALA C 20 10.38 -18.71 -4.26
N ASN C 21 9.65 -18.69 -5.37
CA ASN C 21 8.46 -19.52 -5.56
C ASN C 21 8.43 -19.85 -7.04
N SER C 22 9.30 -20.75 -7.47
CA SER C 22 9.35 -21.08 -8.89
C SER C 22 10.28 -22.23 -9.14
N SER C 23 10.05 -22.95 -10.23
CA SER C 23 10.92 -24.06 -10.53
C SER C 23 12.23 -23.49 -11.04
N GLY C 24 12.19 -22.25 -11.52
CA GLY C 24 13.40 -21.64 -12.02
C GLY C 24 14.29 -21.06 -10.93
N THR C 25 15.60 -21.11 -11.16
CA THR C 25 16.53 -20.53 -10.20
C THR C 25 16.46 -19.02 -10.38
N GLN C 26 16.18 -18.35 -9.27
CA GLN C 26 16.03 -16.91 -9.27
C GLN C 26 17.30 -16.21 -8.91
N THR C 27 17.63 -15.17 -9.65
CA THR C 27 18.78 -14.35 -9.32
C THR C 27 18.21 -12.96 -9.10
N VAL C 28 18.48 -12.42 -7.92
CA VAL C 28 18.02 -11.10 -7.56
C VAL C 28 19.24 -10.24 -7.40
N ASN C 29 19.27 -9.13 -8.11
CA ASN C 29 20.38 -8.19 -8.01
C ASN C 29 19.83 -6.92 -7.39
N VAL C 30 20.49 -6.46 -6.33
CA VAL C 30 20.05 -5.26 -5.68
C VAL C 30 21.11 -4.22 -5.96
N LEU C 31 20.72 -3.15 -6.64
CA LEU C 31 21.68 -2.09 -6.95
C LEU C 31 21.45 -0.88 -6.06
N VAL C 32 22.53 -0.24 -5.64
CA VAL C 32 22.45 0.97 -4.84
C VAL C 32 23.29 1.98 -5.62
N ASN C 33 22.74 3.16 -5.89
CA ASN C 33 23.49 4.14 -6.68
C ASN C 33 23.82 3.50 -8.05
N ASN C 34 22.91 2.68 -8.55
CA ASN C 34 23.06 1.99 -9.84
C ASN C 34 24.25 1.03 -9.93
N GLU C 35 24.78 0.61 -8.79
CA GLU C 35 25.87 -0.35 -8.75
C GLU C 35 25.40 -1.56 -7.93
N THR C 36 25.70 -2.77 -8.39
CA THR C 36 25.27 -3.95 -7.65
C THR C 36 25.78 -3.89 -6.21
N ALA C 37 24.86 -4.05 -5.26
CA ALA C 37 25.20 -4.02 -3.85
C ALA C 37 25.00 -5.40 -3.23
N ALA C 38 24.12 -6.20 -3.82
CA ALA C 38 23.88 -7.53 -3.30
C ALA C 38 23.28 -8.37 -4.40
N THR C 39 23.52 -9.66 -4.32
CA THR C 39 22.99 -10.59 -5.29
CA THR C 39 22.99 -10.59 -5.29
CA THR C 39 22.97 -10.59 -5.28
C THR C 39 22.62 -11.88 -4.58
N PHE C 40 21.41 -12.36 -4.82
CA PHE C 40 20.95 -13.58 -4.20
C PHE C 40 20.55 -14.53 -5.30
N SER C 41 20.75 -15.81 -5.05
CA SER C 41 20.40 -16.83 -6.01
CA SER C 41 20.38 -16.81 -6.01
C SER C 41 19.92 -18.05 -5.26
N GLY C 42 18.82 -18.63 -5.75
CA GLY C 42 18.31 -19.81 -5.11
C GLY C 42 17.06 -20.25 -5.84
N GLN C 43 16.59 -21.44 -5.50
CA GLN C 43 15.41 -21.99 -6.08
C GLN C 43 14.60 -22.53 -4.94
N SER C 44 13.30 -22.36 -5.04
CA SER C 44 12.39 -22.86 -4.05
C SER C 44 11.00 -22.70 -4.60
N THR C 45 10.10 -23.60 -4.21
CA THR C 45 8.72 -23.47 -4.60
C THR C 45 7.98 -23.38 -3.28
N ASN C 46 8.71 -23.02 -2.23
CA ASN C 46 8.11 -22.94 -0.91
C ASN C 46 8.47 -21.61 -0.20
N ASN C 47 8.60 -20.54 -0.95
CA ASN C 47 8.89 -19.23 -0.37
C ASN C 47 10.16 -19.16 0.46
N ALA C 48 11.13 -20.02 0.16
CA ALA C 48 12.38 -19.99 0.91
C ALA C 48 13.10 -18.66 0.75
N VAL C 49 13.76 -18.22 1.82
CA VAL C 49 14.56 -16.99 1.72
C VAL C 49 15.82 -17.39 0.99
N ILE C 50 16.07 -16.81 -0.18
CA ILE C 50 17.27 -17.17 -0.92
C ILE C 50 18.37 -16.20 -0.57
N GLY C 51 17.99 -15.16 0.17
CA GLY C 51 18.99 -14.20 0.61
C GLY C 51 18.39 -13.09 1.45
N THR C 52 19.15 -12.62 2.42
CA THR C 52 18.70 -11.49 3.20
C THR C 52 19.97 -10.78 3.58
N GLN C 53 19.95 -9.45 3.51
CA GLN C 53 21.14 -8.67 3.80
C GLN C 53 20.80 -7.26 4.22
N VAL C 54 21.72 -6.62 4.92
CA VAL C 54 21.49 -5.26 5.32
C VAL C 54 22.43 -4.45 4.44
N LEU C 55 21.90 -3.41 3.82
CA LEU C 55 22.68 -2.55 2.94
C LEU C 55 22.48 -1.10 3.33
N ASN C 56 23.27 -0.22 2.72
CA ASN C 56 23.12 1.20 2.98
C ASN C 56 22.75 1.82 1.65
N SER C 57 21.73 2.66 1.67
CA SER C 57 21.19 3.30 0.49
C SER C 57 22.15 4.27 -0.20
N GLY C 58 23.19 4.68 0.50
CA GLY C 58 24.17 5.55 -0.10
C GLY C 58 23.69 6.96 -0.34
N SER C 59 24.54 7.73 -1.02
CA SER C 59 24.23 9.14 -1.25
C SER C 59 23.00 9.44 -2.08
N SER C 60 22.68 8.59 -3.05
CA SER C 60 21.50 8.86 -3.87
C SER C 60 20.23 8.32 -3.22
N GLY C 61 20.36 7.28 -2.41
CA GLY C 61 19.20 6.71 -1.78
C GLY C 61 18.46 5.83 -2.78
N LYS C 62 19.01 5.74 -4.00
CA LYS C 62 18.38 4.95 -5.03
C LYS C 62 18.66 3.47 -4.91
N VAL C 63 17.60 2.70 -4.85
CA VAL C 63 17.75 1.27 -4.72
C VAL C 63 16.90 0.65 -5.79
N GLN C 64 17.50 -0.28 -6.52
CA GLN C 64 16.79 -0.95 -7.57
C GLN C 64 16.92 -2.44 -7.44
N VAL C 65 15.81 -3.13 -7.65
CA VAL C 65 15.81 -4.56 -7.60
C VAL C 65 15.60 -5.05 -9.02
N GLN C 66 16.40 -6.03 -9.43
CA GLN C 66 16.25 -6.63 -10.74
C GLN C 66 16.22 -8.12 -10.53
N VAL C 67 15.43 -8.83 -11.31
CA VAL C 67 15.34 -10.27 -11.15
C VAL C 67 15.49 -10.90 -12.51
N SER C 68 16.28 -11.97 -12.57
CA SER C 68 16.49 -12.65 -13.83
C SER C 68 16.49 -14.13 -13.58
N VAL C 69 15.96 -14.87 -14.54
CA VAL C 69 15.89 -16.32 -14.47
C VAL C 69 16.37 -16.80 -15.83
N ASN C 70 17.37 -17.68 -15.87
CA ASN C 70 17.88 -18.17 -17.15
C ASN C 70 18.40 -17.04 -18.03
N GLY C 71 19.02 -16.04 -17.42
CA GLY C 71 19.56 -14.93 -18.19
C GLY C 71 18.52 -13.95 -18.72
N ARG C 72 17.24 -14.22 -18.46
CA ARG C 72 16.16 -13.33 -18.92
C ARG C 72 15.58 -12.53 -17.74
N PRO C 73 15.37 -11.22 -17.94
CA PRO C 73 14.83 -10.37 -16.88
C PRO C 73 13.36 -10.69 -16.64
N SER C 74 12.99 -10.88 -15.38
CA SER C 74 11.61 -11.15 -15.04
C SER C 74 10.83 -9.83 -15.09
N ASP C 75 9.53 -9.91 -15.31
CA ASP C 75 8.73 -8.70 -15.33
C ASP C 75 8.48 -8.41 -13.86
N LEU C 76 8.54 -7.14 -13.49
CA LEU C 76 8.40 -6.78 -12.08
C LEU C 76 7.17 -5.95 -11.75
N VAL C 77 6.74 -6.04 -10.49
CA VAL C 77 5.65 -5.23 -9.98
C VAL C 77 6.17 -4.80 -8.63
N SER C 78 5.80 -3.59 -8.22
CA SER C 78 6.32 -3.11 -6.96
C SER C 78 5.51 -1.94 -6.48
N ALA C 79 5.74 -1.59 -5.22
CA ALA C 79 5.10 -0.45 -4.58
C ALA C 79 5.79 -0.27 -3.24
N GLN C 80 5.61 0.91 -2.67
CA GLN C 80 6.17 1.17 -1.36
C GLN C 80 4.99 1.51 -0.47
N VAL C 81 5.02 0.98 0.73
CA VAL C 81 3.97 1.25 1.70
C VAL C 81 4.63 1.78 2.97
N ILE C 82 4.02 2.81 3.53
CA ILE C 82 4.53 3.39 4.75
C ILE C 82 3.44 3.29 5.80
N LEU C 83 3.77 2.72 6.95
CA LEU C 83 2.83 2.57 8.05
C LEU C 83 3.20 3.55 9.15
N THR C 84 2.16 4.12 9.73
CA THR C 84 2.24 5.10 10.79
C THR C 84 3.35 6.12 10.51
N ASN C 85 3.49 6.45 9.22
CA ASN C 85 4.42 7.49 8.77
C ASN C 85 5.85 7.27 9.19
N GLU C 86 6.20 6.01 9.48
CA GLU C 86 7.54 5.70 9.97
C GLU C 86 8.16 4.47 9.37
N LEU C 87 7.33 3.44 9.22
CA LEU C 87 7.78 2.14 8.76
C LEU C 87 7.57 1.92 7.28
N ASN C 88 8.68 1.69 6.59
CA ASN C 88 8.67 1.53 5.14
C ASN C 88 8.94 0.15 4.61
N PHE C 89 8.12 -0.22 3.63
CA PHE C 89 8.24 -1.49 2.92
C PHE C 89 8.31 -1.14 1.44
N ALA C 90 9.37 -1.56 0.76
CA ALA C 90 9.48 -1.38 -0.67
C ALA C 90 9.32 -2.85 -1.09
N LEU C 91 8.25 -3.12 -1.83
CA LEU C 91 7.93 -4.49 -2.21
C LEU C 91 8.06 -4.78 -3.66
N VAL C 92 8.57 -5.95 -4.00
CA VAL C 92 8.72 -6.33 -5.39
C VAL C 92 8.26 -7.76 -5.65
N GLY C 93 7.52 -7.92 -6.74
CA GLY C 93 7.07 -9.23 -7.16
C GLY C 93 7.70 -9.37 -8.53
N SER C 94 7.88 -10.59 -9.01
CA SER C 94 8.49 -10.75 -10.33
C SER C 94 7.88 -11.97 -10.98
N GLU C 95 7.83 -11.96 -12.32
CA GLU C 95 7.25 -13.06 -13.08
C GLU C 95 8.27 -13.59 -14.09
N ASP C 96 8.62 -14.86 -13.95
CA ASP C 96 9.61 -15.45 -14.86
C ASP C 96 8.94 -16.30 -15.94
N GLY C 97 7.62 -16.40 -15.88
CA GLY C 97 6.91 -17.22 -16.83
C GLY C 97 5.62 -16.69 -17.39
N THR C 98 4.63 -17.56 -17.47
CA THR C 98 3.34 -17.18 -18.04
C THR C 98 2.13 -17.28 -17.11
N ASP C 99 2.26 -17.89 -15.95
CA ASP C 99 1.11 -18.03 -15.05
C ASP C 99 0.77 -16.72 -14.33
N ASN C 100 1.67 -15.77 -14.39
CA ASN C 100 1.45 -14.47 -13.76
C ASN C 100 1.08 -14.45 -12.28
N ASP C 101 1.71 -15.30 -11.49
CA ASP C 101 1.46 -15.24 -10.07
C ASP C 101 2.43 -14.20 -9.46
N TYR C 102 3.39 -13.73 -10.26
CA TYR C 102 4.35 -12.71 -9.84
C TYR C 102 5.02 -12.93 -8.50
N ASN C 103 5.17 -14.18 -8.10
CA ASN C 103 5.82 -14.48 -6.82
C ASN C 103 7.10 -15.30 -7.05
N ASP C 104 7.53 -15.42 -8.31
CA ASP C 104 8.70 -16.24 -8.61
C ASP C 104 9.90 -15.83 -7.78
N ALA C 105 10.07 -14.52 -7.64
CA ALA C 105 11.09 -13.96 -6.77
C ALA C 105 10.31 -12.81 -6.14
N VAL C 106 10.23 -12.82 -4.82
CA VAL C 106 9.55 -11.75 -4.10
C VAL C 106 10.66 -11.12 -3.30
N VAL C 107 10.73 -9.79 -3.35
CA VAL C 107 11.75 -9.09 -2.60
C VAL C 107 11.09 -8.08 -1.70
N VAL C 108 11.53 -8.07 -0.45
CA VAL C 108 10.99 -7.17 0.53
C VAL C 108 12.15 -6.32 1.02
N ILE C 109 11.97 -5.01 0.91
CA ILE C 109 12.96 -4.07 1.41
C ILE C 109 12.30 -3.32 2.56
N ASN C 110 12.99 -3.27 3.69
CA ASN C 110 12.40 -2.56 4.82
C ASN C 110 13.38 -1.64 5.51
N TRP C 111 12.83 -0.55 6.03
CA TRP C 111 13.61 0.41 6.78
C TRP C 111 12.61 1.26 7.55
N PRO C 112 13.06 1.95 8.60
CA PRO C 112 14.45 1.94 9.08
C PRO C 112 14.73 0.64 9.83
N LEU C 113 16.00 0.40 10.10
CA LEU C 113 16.40 -0.78 10.86
C LEU C 113 16.86 -0.28 12.22
N GLY C 114 17.29 -1.19 13.06
CA GLY C 114 17.82 -0.83 14.36
C GLY C 114 16.84 -0.60 15.49
N ALA D 1 -8.04 1.14 15.75
CA ALA D 1 -8.51 -0.01 14.95
C ALA D 1 -7.64 -1.25 15.16
N THR D 2 -8.26 -2.40 14.96
CA THR D 2 -7.57 -3.67 15.08
C THR D 2 -6.49 -3.68 14.00
N GLN D 3 -5.35 -4.25 14.34
CA GLN D 3 -4.24 -4.33 13.41
C GLN D 3 -3.66 -5.71 13.52
N GLY D 4 -2.96 -6.14 12.47
CA GLY D 4 -2.31 -7.43 12.48
C GLY D 4 -3.23 -8.58 12.17
N VAL D 5 -4.45 -8.28 11.74
CA VAL D 5 -5.40 -9.32 11.40
C VAL D 5 -5.69 -9.25 9.92
N PHE D 6 -5.63 -10.40 9.25
CA PHE D 6 -5.84 -10.44 7.82
C PHE D 6 -6.69 -11.61 7.40
N THR D 7 -7.53 -11.37 6.42
CA THR D 7 -8.38 -12.43 5.89
C THR D 7 -7.72 -12.83 4.58
N LEU D 8 -7.21 -14.05 4.54
CA LEU D 8 -6.59 -14.55 3.33
C LEU D 8 -7.59 -15.48 2.73
N PRO D 9 -7.36 -15.91 1.49
CA PRO D 9 -8.34 -16.83 0.91
C PRO D 9 -8.21 -18.12 1.72
N ALA D 10 -9.29 -18.90 1.77
CA ALA D 10 -9.26 -20.14 2.53
C ALA D 10 -8.27 -21.17 2.01
N ASN D 11 -7.83 -22.02 2.94
CA ASN D 11 -6.92 -23.13 2.66
C ASN D 11 -5.79 -22.80 1.70
N THR D 12 -5.23 -21.60 1.87
CA THR D 12 -4.17 -21.13 0.99
C THR D 12 -2.83 -21.04 1.71
N ARG D 13 -1.78 -21.53 1.07
CA ARG D 13 -0.46 -21.47 1.68
C ARG D 13 0.05 -20.05 1.61
N PHE D 14 0.68 -19.59 2.67
CA PHE D 14 1.20 -18.24 2.69
C PHE D 14 2.49 -18.26 3.44
N GLY D 15 3.35 -17.29 3.15
CA GLY D 15 4.61 -17.22 3.85
C GLY D 15 4.47 -16.16 4.92
N VAL D 16 5.15 -16.35 6.05
CA VAL D 16 5.14 -15.36 7.11
C VAL D 16 6.59 -15.28 7.55
N THR D 17 7.12 -14.06 7.57
CA THR D 17 8.53 -13.84 7.91
C THR D 17 8.64 -12.69 8.90
N ALA D 18 9.49 -12.86 9.90
CA ALA D 18 9.65 -11.82 10.92
C ALA D 18 11.09 -11.38 11.02
N PHE D 19 11.25 -10.07 11.17
CA PHE D 19 12.54 -9.39 11.30
C PHE D 19 12.57 -8.68 12.64
N ALA D 20 13.75 -8.61 13.27
CA ALA D 20 13.84 -7.92 14.56
C ALA D 20 14.79 -6.74 14.45
N ASN D 21 14.42 -5.65 15.12
CA ASN D 21 15.21 -4.43 15.11
C ASN D 21 14.93 -3.79 16.44
N SER D 22 15.47 -4.38 17.48
CA SER D 22 15.23 -3.84 18.81
C SER D 22 16.20 -4.46 19.81
N SER D 23 16.49 -3.72 20.86
CA SER D 23 17.37 -4.20 21.92
CA SER D 23 17.38 -4.23 21.91
C SER D 23 16.61 -5.31 22.65
N GLY D 24 15.29 -5.25 22.57
CA GLY D 24 14.46 -6.25 23.24
C GLY D 24 14.21 -7.50 22.43
N THR D 25 14.15 -8.66 23.11
CA THR D 25 13.88 -9.91 22.42
C THR D 25 12.43 -9.92 22.03
N GLN D 26 12.21 -10.07 20.73
CA GLN D 26 10.87 -10.09 20.16
C GLN D 26 10.27 -11.48 20.16
N THR D 27 8.97 -11.54 20.41
CA THR D 27 8.24 -12.79 20.34
C THR D 27 7.11 -12.53 19.39
N VAL D 28 7.12 -13.27 18.29
CA VAL D 28 6.11 -13.13 17.27
C VAL D 28 5.28 -14.39 17.20
N ASN D 29 3.97 -14.23 17.33
CA ASN D 29 3.05 -15.34 17.27
C ASN D 29 2.19 -15.19 16.04
N VAL D 30 2.12 -16.26 15.26
CA VAL D 30 1.30 -16.26 14.06
C VAL D 30 0.17 -17.21 14.36
N LEU D 31 -1.03 -16.67 14.34
CA LEU D 31 -2.24 -17.42 14.64
C LEU D 31 -3.06 -17.66 13.39
N VAL D 32 -3.46 -18.89 13.22
CA VAL D 32 -4.31 -19.23 12.10
C VAL D 32 -5.53 -19.82 12.76
N ASN D 33 -6.71 -19.32 12.39
CA ASN D 33 -7.95 -19.82 12.95
C ASN D 33 -7.86 -19.68 14.47
N ASN D 34 -7.22 -18.60 14.91
CA ASN D 34 -7.08 -18.29 16.33
C ASN D 34 -6.21 -19.25 17.15
N GLU D 35 -5.37 -20.04 16.47
CA GLU D 35 -4.49 -20.96 17.18
C GLU D 35 -3.08 -20.63 16.73
N THR D 36 -2.12 -20.63 17.64
CA THR D 36 -0.76 -20.32 17.26
C THR D 36 -0.23 -21.41 16.32
N ALA D 37 0.13 -21.01 15.11
CA ALA D 37 0.65 -21.95 14.11
C ALA D 37 2.16 -21.82 14.00
N ALA D 38 2.71 -20.66 14.36
CA ALA D 38 4.16 -20.45 14.32
C ALA D 38 4.51 -19.41 15.34
N THR D 39 5.71 -19.50 15.91
CA THR D 39 6.16 -18.52 16.88
C THR D 39 7.64 -18.36 16.68
N PHE D 40 8.09 -17.12 16.68
CA PHE D 40 9.50 -16.84 16.50
C PHE D 40 9.93 -15.94 17.63
N SER D 41 11.14 -16.16 18.15
CA SER D 41 11.68 -15.26 19.18
C SER D 41 13.11 -14.94 18.83
N GLY D 42 13.55 -13.74 19.13
CA GLY D 42 14.94 -13.42 18.84
C GLY D 42 15.23 -11.96 19.03
N GLN D 43 16.51 -11.64 19.14
CA GLN D 43 16.94 -10.26 19.33
C GLN D 43 17.98 -9.92 18.28
N SER D 44 17.80 -8.76 17.69
CA SER D 44 18.70 -8.25 16.68
C SER D 44 18.38 -6.79 16.49
N THR D 45 19.39 -6.00 16.20
CA THR D 45 19.14 -4.61 15.88
C THR D 45 19.60 -4.50 14.42
N ASN D 46 19.76 -5.66 13.76
CA ASN D 46 20.20 -5.72 12.37
C ASN D 46 19.26 -6.44 11.40
N ASN D 47 17.98 -6.40 11.69
CA ASN D 47 16.98 -6.99 10.80
C ASN D 47 17.13 -8.50 10.61
N ALA D 48 17.60 -9.20 11.63
CA ALA D 48 17.73 -10.65 11.49
C ALA D 48 16.35 -11.23 11.20
N VAL D 49 16.32 -12.30 10.41
CA VAL D 49 15.06 -13.00 10.13
C VAL D 49 14.95 -13.98 11.29
N ILE D 50 14.13 -13.64 12.28
CA ILE D 50 14.00 -14.50 13.44
C ILE D 50 13.05 -15.64 13.17
N GLY D 51 12.44 -15.65 12.00
CA GLY D 51 11.57 -16.75 11.67
C GLY D 51 10.91 -16.54 10.32
N THR D 52 10.79 -17.62 9.56
CA THR D 52 10.08 -17.55 8.30
C THR D 52 9.54 -18.96 8.00
N GLN D 53 8.22 -19.04 7.89
CA GLN D 53 7.58 -20.31 7.63
C GLN D 53 6.46 -20.19 6.64
N VAL D 54 6.05 -21.34 6.11
CA VAL D 54 4.91 -21.38 5.23
C VAL D 54 3.78 -22.08 6.02
N LEU D 55 2.63 -21.43 6.07
CA LEU D 55 1.49 -21.99 6.78
C LEU D 55 0.30 -21.96 5.85
N ASN D 56 -0.72 -22.75 6.19
CA ASN D 56 -1.93 -22.78 5.38
C ASN D 56 -2.98 -21.96 6.15
N SER D 57 -3.68 -21.09 5.43
CA SER D 57 -4.68 -20.21 6.01
C SER D 57 -5.89 -20.93 6.60
N GLY D 58 -6.00 -22.23 6.36
CA GLY D 58 -7.10 -22.99 6.93
C GLY D 58 -8.45 -22.63 6.35
N SER D 59 -9.51 -23.22 6.90
CA SER D 59 -10.85 -22.98 6.38
C SER D 59 -11.37 -21.55 6.47
N SER D 60 -11.03 -20.82 7.53
CA SER D 60 -11.51 -19.44 7.72
C SER D 60 -10.65 -18.38 7.02
N GLY D 61 -9.40 -18.74 6.72
CA GLY D 61 -8.50 -17.78 6.08
C GLY D 61 -8.04 -16.70 7.06
N LYS D 62 -8.45 -16.80 8.32
CA LYS D 62 -8.07 -15.80 9.32
C LYS D 62 -6.66 -15.94 9.81
N VAL D 63 -5.85 -14.91 9.60
CA VAL D 63 -4.47 -14.98 10.06
C VAL D 63 -4.23 -13.78 10.96
N GLN D 64 -3.63 -14.00 12.13
CA GLN D 64 -3.35 -12.89 13.04
C GLN D 64 -1.93 -12.93 13.53
N VAL D 65 -1.31 -11.76 13.58
CA VAL D 65 0.05 -11.65 14.03
C VAL D 65 0.04 -10.91 15.38
N GLN D 66 0.79 -11.41 16.35
CA GLN D 66 0.91 -10.78 17.65
C GLN D 66 2.38 -10.66 17.93
N VAL D 67 2.77 -9.56 18.56
CA VAL D 67 4.16 -9.36 18.90
C VAL D 67 4.21 -8.92 20.35
N SER D 68 5.09 -9.54 21.12
CA SER D 68 5.23 -9.15 22.51
C SER D 68 6.69 -9.24 22.86
N VAL D 69 7.09 -8.52 23.90
CA VAL D 69 8.45 -8.55 24.33
C VAL D 69 8.36 -8.97 25.79
N ASN D 70 8.86 -10.18 26.07
CA ASN D 70 8.86 -10.73 27.40
C ASN D 70 7.45 -10.67 28.00
N GLY D 71 6.46 -11.00 27.18
CA GLY D 71 5.08 -11.00 27.63
C GLY D 71 4.30 -9.71 27.45
N ARG D 72 5.00 -8.59 27.23
CA ARG D 72 4.33 -7.31 27.06
C ARG D 72 3.99 -7.14 25.57
N PRO D 73 2.69 -7.00 25.25
CA PRO D 73 2.26 -6.85 23.85
C PRO D 73 2.79 -5.55 23.29
N SER D 74 3.26 -5.59 22.06
CA SER D 74 3.78 -4.40 21.39
C SER D 74 2.60 -3.79 20.65
N ASP D 75 2.72 -2.52 20.32
CA ASP D 75 1.64 -1.85 19.59
C ASP D 75 1.84 -2.20 18.12
N LEU D 76 0.79 -2.65 17.46
CA LEU D 76 0.92 -3.04 16.06
C LEU D 76 0.38 -2.07 15.06
N VAL D 77 0.95 -2.12 13.86
CA VAL D 77 0.44 -1.30 12.76
C VAL D 77 0.47 -2.29 11.59
N SER D 78 -0.49 -2.18 10.69
CA SER D 78 -0.52 -3.15 9.60
C SER D 78 -1.35 -2.64 8.44
N ALA D 79 -1.20 -3.32 7.31
CA ALA D 79 -1.97 -3.04 6.11
C ALA D 79 -1.72 -4.18 5.14
N GLN D 80 -2.51 -4.25 4.10
CA GLN D 80 -2.33 -5.29 3.08
C GLN D 80 -2.26 -4.52 1.77
N VAL D 81 -1.39 -4.95 0.86
CA VAL D 81 -1.31 -4.33 -0.44
C VAL D 81 -1.28 -5.44 -1.46
N ILE D 82 -1.94 -5.22 -2.58
CA ILE D 82 -1.97 -6.23 -3.62
C ILE D 82 -1.44 -5.59 -4.87
N LEU D 83 -0.49 -6.27 -5.50
CA LEU D 83 0.13 -5.80 -6.72
C LEU D 83 -0.41 -6.61 -7.89
N THR D 84 -0.58 -5.92 -9.02
CA THR D 84 -1.13 -6.46 -10.26
C THR D 84 -2.31 -7.41 -10.02
N ASN D 85 -3.11 -7.06 -9.01
CA ASN D 85 -4.34 -7.78 -8.65
C ASN D 85 -4.11 -9.25 -8.37
N GLU D 86 -2.89 -9.60 -7.97
CA GLU D 86 -2.57 -11.00 -7.78
C GLU D 86 -1.63 -11.27 -6.62
N LEU D 87 -0.65 -10.41 -6.44
CA LEU D 87 0.36 -10.62 -5.43
C LEU D 87 0.03 -9.89 -4.15
N ASN D 88 -0.10 -10.66 -3.08
CA ASN D 88 -0.49 -10.10 -1.78
C ASN D 88 0.57 -10.06 -0.72
N PHE D 89 0.60 -8.94 -0.01
CA PHE D 89 1.51 -8.71 1.09
C PHE D 89 0.70 -8.21 2.28
N ALA D 90 0.78 -8.90 3.41
CA ALA D 90 0.12 -8.44 4.62
C ALA D 90 1.35 -7.98 5.40
N LEU D 91 1.30 -6.73 5.88
CA LEU D 91 2.45 -6.13 6.53
C LEU D 91 2.17 -5.75 7.95
N VAL D 92 3.11 -6.05 8.83
CA VAL D 92 2.95 -5.71 10.23
C VAL D 92 4.21 -5.06 10.76
N GLY D 93 4.01 -3.99 11.53
CA GLY D 93 5.11 -3.31 12.20
C GLY D 93 4.71 -3.36 13.67
N SER D 94 5.67 -3.16 14.58
CA SER D 94 5.33 -3.18 15.99
C SER D 94 6.32 -2.35 16.76
N GLU D 95 5.81 -1.74 17.81
CA GLU D 95 6.60 -0.86 18.66
C GLU D 95 6.58 -1.40 20.08
N ASP D 96 7.77 -1.64 20.60
CA ASP D 96 7.92 -2.19 21.93
C ASP D 96 8.41 -1.14 22.91
N GLY D 97 8.64 0.07 22.41
CA GLY D 97 9.15 1.12 23.26
C GLY D 97 8.54 2.51 23.09
N THR D 98 9.42 3.51 23.07
CA THR D 98 9.00 4.90 22.99
C THR D 98 9.46 5.66 21.75
N ASP D 99 10.42 5.12 21.01
CA ASP D 99 10.92 5.86 19.86
C ASP D 99 10.02 5.84 18.64
N ASN D 100 9.03 4.94 18.67
CA ASN D 100 8.06 4.77 17.59
C ASN D 100 8.63 4.52 16.20
N ASP D 101 9.65 3.69 16.09
CA ASP D 101 10.13 3.39 14.76
C ASP D 101 9.30 2.21 14.21
N TYR D 102 8.53 1.57 15.08
CA TYR D 102 7.65 0.46 14.71
C TYR D 102 8.30 -0.64 13.89
N ASN D 103 9.60 -0.82 14.05
CA ASN D 103 10.31 -1.86 13.30
C ASN D 103 10.89 -2.89 14.29
N ASP D 104 10.46 -2.85 15.55
CA ASP D 104 11.02 -3.74 16.56
C ASP D 104 10.85 -5.19 16.16
N ALA D 105 9.68 -5.50 15.63
CA ALA D 105 9.43 -6.79 15.02
C ALA D 105 8.64 -6.36 13.79
N VAL D 106 9.11 -6.75 12.62
CA VAL D 106 8.43 -6.45 11.38
C VAL D 106 8.06 -7.81 10.84
N VAL D 107 6.80 -7.96 10.44
CA VAL D 107 6.34 -9.23 9.92
C VAL D 107 5.74 -9.02 8.55
N VAL D 108 6.14 -9.87 7.61
CA VAL D 108 5.61 -9.78 6.26
C VAL D 108 5.00 -11.11 5.89
N ILE D 109 3.76 -11.06 5.42
CA ILE D 109 3.03 -12.25 5.01
C ILE D 109 2.83 -12.11 3.52
N ASN D 110 3.12 -13.16 2.77
CA ASN D 110 2.92 -13.06 1.33
C ASN D 110 2.27 -14.29 0.75
N TRP D 111 1.49 -14.06 -0.28
CA TRP D 111 0.81 -15.14 -0.99
C TRP D 111 0.36 -14.58 -2.34
N PRO D 112 0.08 -15.45 -3.33
CA PRO D 112 0.16 -16.92 -3.25
C PRO D 112 1.61 -17.38 -3.31
N LEU D 113 1.84 -18.64 -2.95
CA LEU D 113 3.19 -19.19 -3.02
C LEU D 113 3.21 -20.18 -4.18
N GLY D 114 4.32 -20.88 -4.32
CA GLY D 114 4.43 -21.89 -5.35
C GLY D 114 4.90 -21.34 -6.67
CA CA E . 2.84 13.13 -16.79
CA CA F . 1.13 15.50 -14.56
C1 2G0 G . 1.49 16.84 -19.42
C2 2G0 G . 1.76 15.83 -18.30
O2 2G0 G . 2.22 14.60 -18.84
C3 2G0 G . 2.82 16.41 -17.36
O3 2G0 G . 3.05 15.56 -16.25
C4 2G0 G . 2.38 17.76 -16.84
O4 2G0 G . 1.26 17.59 -16.00
C5 2G0 G . 2.02 18.69 -17.99
O5 2G0 G . 1.01 18.07 -18.83
C6 2G0 G . 1.45 20.00 -17.47
C7 2G0 G . 2.72 17.01 -20.34
C8 2G0 G . 2.30 18.23 -21.17
O6 2G0 G . 1.33 18.17 -21.93
N1 2G0 G . 3.03 19.34 -21.04
C9 2G0 G . 2.67 20.57 -21.72
C10 2G0 G . 2.20 20.46 -23.16
O7 2G0 G . 1.14 21.02 -23.51
C11 2G0 G . 3.82 21.58 -21.63
C12 2G0 G . 3.88 22.30 -20.29
N3 2G0 G . 2.96 19.77 -24.02
C15 2G0 G . 2.58 19.63 -25.44
C16 2G0 G . 1.26 18.91 -25.71
O8 2G0 G . 0.79 18.90 -26.85
C17 2G0 G . 3.78 18.91 -26.06
C18 2G0 G . 4.41 18.18 -24.89
C19 2G0 G . 4.28 19.15 -23.76
N4 2G0 G . 0.69 18.29 -24.68
C20 2G0 G . -0.59 17.58 -24.79
C21 2G0 G . -1.74 18.59 -24.63
O9 2G0 G . -1.46 19.69 -24.10
C22 2G0 G . -0.69 16.52 -23.70
C23 2G0 G . -0.27 15.06 -23.96
C24 2G0 G . 0.70 14.93 -25.09
C25 2G0 G . 0.30 14.49 -22.67
N5 2G0 G . -2.89 18.27 -24.99
CA CA H . -18.83 2.82 10.44
CA CA I . -20.04 3.55 7.06
C1 2G0 J . -23.08 4.84 10.83
C2 2G0 J . -21.74 4.26 10.30
O2 2G0 J . -20.84 4.10 11.39
C3 2G0 J . -22.05 2.92 9.66
O3 2G0 J . -20.86 2.32 9.16
C4 2G0 J . -23.04 3.10 8.53
O4 2G0 J . -22.46 3.88 7.50
C5 2G0 J . -24.32 3.79 9.05
O5 2G0 J . -23.99 5.03 9.73
C6 2G0 J . -25.27 4.13 7.91
C7 2G0 J . -23.66 4.13 12.04
C8 2G0 J . -24.90 4.97 12.33
O6 2G0 J . -24.81 6.17 12.61
N1 2G0 J . -26.06 4.33 12.26
C9 2G0 J . -27.33 5.00 12.52
C10 2G0 J . -27.41 5.41 13.99
O7 2G0 J . -26.83 4.75 14.86
C11 2G0 J . -28.49 4.05 12.18
N3 2G0 J . -28.11 6.52 14.29
C15 2G0 J . -28.25 7.01 15.67
C16 2G0 J . -28.66 5.85 16.58
O8 2G0 J . -29.62 5.13 16.28
C17 2G0 J . -29.35 8.06 15.56
C18 2G0 J . -29.15 8.61 14.18
C19 2G0 J . -28.89 7.34 13.36
N4 2G0 J . -27.93 5.65 17.68
C20 2G0 J . -28.21 4.54 18.60
C21 2G0 J . -28.12 4.95 20.08
O9 2G0 J . -28.71 4.24 20.94
C22 2G0 J . -27.24 3.38 18.35
N5 2G0 J . -27.44 5.96 20.36
CA CA K . 5.49 -18.94 -8.97
CA CA L . 5.22 -17.29 -12.25
C1 2G0 M . 7.65 -21.29 -12.78
C2 2G0 M . 6.83 -20.13 -12.26
O2 2G0 M . 6.71 -19.14 -13.26
C3 2G0 M . 5.44 -20.65 -11.86
O3 2G0 M . 4.70 -19.59 -11.29
C4 2G0 M . 5.58 -21.79 -10.85
O4 2G0 M . 6.10 -21.26 -9.64
C5 2G0 M . 6.52 -22.87 -11.39
O5 2G0 M . 7.78 -22.29 -11.77
C6 2G0 M . 6.84 -23.93 -10.35
C7 2G0 M . 7.22 -21.77 -14.16
C8 2G0 M . 8.12 -22.91 -14.59
O6 2G0 M . 9.34 -22.79 -14.52
N1 2G0 M . 7.51 -24.01 -15.03
C9 2G0 M . 8.25 -25.17 -15.49
C10 2G0 M . 9.43 -24.77 -16.38
O7 2G0 M . 10.55 -25.23 -16.03
CA CA N . 10.91 0.94 18.69
CA CA O . 13.61 -0.49 16.67
C1 2G0 P . 14.28 -0.78 21.52
C2 2G0 P . 13.45 -0.28 20.32
O2 2G0 P . 12.16 0.08 20.77
C3 2G0 P . 14.15 0.92 19.67
O3 2G0 P . 13.45 1.29 18.50
C4 2G0 P . 15.56 0.53 19.27
O4 2G0 P . 15.47 -0.54 18.32
C5 2G0 P . 16.32 0.04 20.51
O5 2G0 P . 15.63 -1.08 21.13
C6 2G0 P . 17.69 -0.48 20.10
C7 2G0 P . 14.30 0.16 22.53
#